data_2O43
#
_entry.id   2O43
#
_cell.length_a   170.437
_cell.length_b   413.538
_cell.length_c   693.720
_cell.angle_alpha   90
_cell.angle_beta   90
_cell.angle_gamma   90
#
_symmetry.space_group_name_H-M   'I 2 2 2'
#
loop_
_entity.id
_entity.type
_entity.pdbx_description
1 polymer '23S rRNA'
2 non-polymer '(3R,4S,5S,6R,7R,9R,10S,11S,12R,13S,14R)-10-AMINO-6-{[(2S,3R,4S,6R)-4-(DIMETHYLAMINO)-3-HYDROXY-6-METHYLTETRAHYDRO-2H-PY RAN-2-YL]OXY}-14-ETHYL-7,12,13-TRIHYDROXY-4-{[(2R,4R,5S,6S)-5-HYDROXY-4-METHOXY-4,6-DIMETHYLTETRAHYDRO-2H-PYRAN-2-YL]OXY }-3,5,7,9,11,13-HEXAMETHYLOXACYCLOTETRADECAN-2-ONE'
#
_entity_poly.entity_id   1
_entity_poly.type   'polyribonucleotide'
_entity_poly.pdbx_seq_one_letter_code
;GGUCAAGAUAGUAAGGGUCCACGGUGGAUGCCCUGGCGCUGGAGCCGAUGAAGGACGCGAUUACCUGCGAAAAGCCCCGA
CGAGCUGGAGAUACGCUUUGACUCGGGGAUGUCCGAAUGGGGAAACCCACCUCGUAAGAGGUAUCCGCAAGGAUGGGAAC
UCAGGGAACUGAAACAUCUCAGUACCUGAAGGAGAAGAAAGAGAAUUCGAUUCCGUUAGUAGCGGCGAGCGAACCCGGAU
CAGCCCAAACCGAAACGCUUGCGUUUCGGGGUUGUAGGACCAGUUUUUAAGAUUCAACCCCUCAAGCCGAAGUGGCUGGA
AAGCUACACCUCAGAAGGUGAGAGUCCUGUAGGCGAACGAGCGGUUGACUGUACUGGCACCUGAGUAGGUCGUUGUUCGU
GAAACGAUGACUGAAUCCGCGCGGACCACCGCGCAAGGCUAAAUACUCCCAGUGACCGAUAGCGCAUAGUACCGUGAGGG
AAAGGUGAAAAGAACCCCGGGAGGGGAGUGAAAGAGAACCUGAAACCGUGGACUUACAAGCAGUCAUGGCACCUUAUGCG
UGUUAUGGCGUGCCUAUUGAAGCAUGAGCCGGCGACUUAGACCUGACGUGCGAGCUUAAGUUGAAAAACGGAGGCGGAGC
GAAAGCGAGUCCGAAUAGGGCGGCAUUAGUACGUCGGGCUAGACUCGAAACCAGGUGAGCUAAGCAUGACCAGGUUGAAA
CCCCCGUGACAGGGGGCGGAGGACCGAACCGGUGCCUGCUGAAACAGUCUCGGAUGAGUUGUGUUUAGGAGUGAAAAGCU
AACCGAACCUGGAGAUAGCUAGUUCUCCCCGAAAUGUAUUGAGGUACAGCCUCGGAUGUUGACCAUGUCCUGUAGAGCAC
UCACAAGGCUAGGGGGCCUACCAGCUUACCAAACCUUAUGAAACUCCGAAGGGGCACGCGUUUAGUCCGGGAGUGAGGCU
GCGAGAGCUAACUUCCGUAGCCGAGAGGGAAACAACCCAGACCAUCAGCUAAGGUCCCUAAAUGAUCGCUCAGUGGUUAA
GGAUGUGUCGUCGCAUAGACAGCCAGGAGGUUGGCUUAGAAGCAGCCACCCUUCAAAGAGUGCGUAAUAGCUCACUGGUC
GAGUGACGAUGCGCCGAAAAUGAUCGGGGCUCAAGUGAUCUACCGAAGCUAUGGAUUCAACUCGCGAAGCGAGUUGUCUG
GUAGGGGAGCGUUCAGUCCGCGGAGAAGCCAUACCGGAAGGAGUGGUGGAGCCGACUGAAGUGCGGAUGCCGGCAUGAGU
AACGAUAAAAGAAGUGAGAAUCUUCUUCGCCGUAAGGACAAGGGUUCCUGGGGAAGGGUCGUCCGCCCAGGGAAAGUCGG
GACCUAAGGUGAGGCCGAACGGCGCAGCCGAUGGACAGCAGGUCAAGAUUCCUGCACCGAUCAUGUGGAGUGAUGGAGGG
ACGCAUUACGCUAUCCAAUGCCAAGCUAUGGCUAUGCUGGUUGGUACGCUCAAGGGCGAUCGGGUCAGAAAAUCUACCGG
UCACAUGCCUCAGACGUAUCGGGAGCUUCCUCGGAAGCGAAGUUGGAAACGCGACGGUGCCAAGAAAAGCUUCUAAACGU
UGAAACAUGAUUGCCCGUACCGCAAACCGACACAGGUGUCCGAGUGUCAAUGCACUAAGGCGCGCGAGAGAACCCUCGUU
AAGGAACUUUGCAAUCUCACCCCGUAACUUCGGAAGAAGGGGUCCCCACGCUUCGCGUGGGGCGCAGUGAAUAGGCCCAG
GCGACUGUUUACCAAAAUCACAGCACUCUGCCAACACGAACAGUGGACGUAUAGGGUGUGACGCCUGCCCGGUGCCGGAA
GGUCAAGUGGAGCGGUGCAAGCUGCGAAAUGAAGCCCCGGUGAACGGCGGCCGUAACUAUAACGGUCCUAAGGUAGCGAA
AUUCCUUGUCGGGUAAGUUCCGACCUGCACGAAAGGCGUAACGAUCUGGGCGCUGUCUCAACGAGGGACUCGGUGAAAUU
GAAUUGGCUGUAAAGAUGCGGCCUACCCGUAGCAGGACGAAAAGACCCCGUGGAGCUUUACUAUAGUCUGGCAUUGGGAU
UCGGGUUUCUCUGCGUAGGAUAGGUGGGAGCCUGCGAAACUGGCCUUUUGGGGUCGGUGGAGGCAACGGUGAAAUACCAC
CCUGAGAAACUUGGAUUUCUAACCUGAAAAAUCACUUUCGGGGACCGUGCUUGGCGGGUAGUUUGACUGGGGCGGUCGCC
UCCCAAAAUGUAACGGAGGCGCCCAAAGGUCACCUCAAGACGGUUGGAAAUCGUCUGUAGAGCGCAAAGGUAGAAGGUGG
CUUGACUGCGAGACUGACACGUCGAGCAGGGAGGAAACUCGGGCUUAGUGAACCGGUGGUACCGUGUGGAAGGGCCAUCG
AUCAACGGAUAAAAGUUACCCCGGGGAUAACAGGCUGAUCUCCCCCGAGAGUCCAUAUCGGCGGGGAGGUUUGGCACCUC
GAUGUCGGCUCGUCGCAUCCUGGGGCUGAAGAAGGUCCCAAGGGUUGGGCUGUUCGCCCAUUAAAGCGGCACGCGAGCUG
GGUUCAGAACGUCGUGAGACAGUUCGGUCUCUAUCCGCUACGGGCGCAGGAGAAUUGAGGGGAGUUGCUCCUAGUACGAG
AGGACCGGAGUGAACGGACCGCUGGUCUCCCUGCUGUCGUACCAACGGCACAUGCAGGGUAGCUAUGUCCGGAACGGAUA
ACCGCUGAAAGCAUCUAAGCGGGAAGCCAGCCCCAAGAUGAGUUCUCCCACUGUUUAUCAGGUAAGACUCCCGGAAGACC
ACCGGGUUAAGAGGCCAGGCGUGCACGCAUAGCAAUGUGUUCAGCGGACUGGUGCUCAUCAGUCGAGGUCUUGACCACUC
;
_entity_poly.pdbx_strand_id   A
#